data_1RDJ
#
_entry.id   1RDJ
#
_cell.length_a   60.700
_cell.length_b   74.900
_cell.length_c   57.100
_cell.angle_alpha   90.00
_cell.angle_beta   90.00
_cell.angle_gamma   90.00
#
_symmetry.space_group_name_H-M   'P 21 21 21'
#
loop_
_entity.id
_entity.type
_entity.pdbx_description
1 polymer 'MANNOSE-BINDING PROTEIN-C'
2 non-polymer 'methyl beta-L-fucopyranoside'
3 non-polymer 'CALCIUM ION'
4 non-polymer 'CHLORIDE ION'
5 water water
#
_entity_poly.entity_id   1
_entity_poly.type   'polypeptide(L)'
_entity_poly.pdbx_seq_one_letter_code
;KKYFMSSVRRMPLNRAKALCSELQGTVATPRNAEENRAIQNVAKDVAFLGITDQRTENVFEDLTGNRVRYTNWNEGEPNN
VGSGENCVVLLTNGKWNDVPCSDSFLVVCEFSD
;
_entity_poly.pdbx_strand_id   1,2
#
# COMPACT_ATOMS: atom_id res chain seq x y z
N LYS A 2 4.37 8.86 -10.67
CA LYS A 2 3.65 8.60 -9.39
C LYS A 2 2.44 7.70 -9.65
N TYR A 3 2.22 6.83 -8.69
CA TYR A 3 1.08 5.92 -8.68
C TYR A 3 0.27 6.26 -7.44
N PHE A 4 -1.03 6.36 -7.59
CA PHE A 4 -1.92 6.69 -6.47
C PHE A 4 -2.87 5.54 -6.18
N MET A 5 -3.01 5.18 -4.91
CA MET A 5 -3.89 4.08 -4.49
C MET A 5 -4.73 4.60 -3.31
N SER A 6 -6.01 4.23 -3.26
CA SER A 6 -6.88 4.68 -2.19
C SER A 6 -7.14 3.57 -1.20
N SER A 7 -7.34 3.93 0.07
CA SER A 7 -7.66 2.95 1.09
C SER A 7 -9.16 2.70 1.00
N VAL A 8 -9.62 1.67 1.69
CA VAL A 8 -11.04 1.38 1.69
C VAL A 8 -11.67 1.82 3.00
N ARG A 9 -10.85 1.88 4.04
CA ARG A 9 -11.34 2.28 5.36
C ARG A 9 -10.86 3.66 5.72
N ARG A 10 -11.58 4.32 6.63
CA ARG A 10 -11.24 5.65 7.10
C ARG A 10 -10.35 5.53 8.34
N MET A 11 -9.50 6.51 8.56
CA MET A 11 -8.58 6.52 9.69
C MET A 11 -7.99 7.92 9.85
N PRO A 12 -7.46 8.24 11.05
CA PRO A 12 -6.86 9.56 11.30
C PRO A 12 -5.54 9.69 10.54
N LEU A 13 -5.00 10.90 10.47
CA LEU A 13 -3.76 11.13 9.72
C LEU A 13 -2.57 10.29 10.15
N ASN A 14 -2.36 10.11 11.46
CA ASN A 14 -1.22 9.31 11.92
C ASN A 14 -1.27 7.88 11.40
N ARG A 15 -2.47 7.30 11.39
CA ARG A 15 -2.64 5.95 10.90
C ARG A 15 -2.51 5.93 9.36
N ALA A 16 -2.99 6.98 8.70
CA ALA A 16 -2.90 7.12 7.24
C ALA A 16 -1.43 7.16 6.80
N LYS A 17 -0.63 7.95 7.51
CA LYS A 17 0.80 8.06 7.27
C LYS A 17 1.46 6.70 7.45
N ALA A 18 1.08 5.99 8.51
CA ALA A 18 1.65 4.68 8.79
C ALA A 18 1.33 3.68 7.67
N LEU A 19 0.11 3.74 7.15
CA LEU A 19 -0.28 2.85 6.07
C LEU A 19 0.55 3.10 4.80
N CYS A 20 0.60 4.34 4.32
CA CYS A 20 1.37 4.62 3.10
C CYS A 20 2.87 4.31 3.29
N SER A 21 3.40 4.70 4.46
CA SER A 21 4.80 4.46 4.79
C SER A 21 5.13 2.98 4.89
N GLU A 22 4.17 2.17 5.31
CA GLU A 22 4.37 0.74 5.42
C GLU A 22 4.78 0.11 4.09
N LEU A 23 4.23 0.64 3.01
CA LEU A 23 4.56 0.15 1.66
C LEU A 23 5.54 1.09 0.97
N GLN A 24 6.27 1.84 1.79
CA GLN A 24 7.30 2.78 1.35
C GLN A 24 6.85 3.92 0.43
N GLY A 25 5.66 4.44 0.70
CA GLY A 25 5.14 5.56 -0.06
C GLY A 25 4.82 6.65 0.93
N THR A 26 4.00 7.61 0.52
CA THR A 26 3.60 8.69 1.39
C THR A 26 2.15 9.06 1.08
N VAL A 27 1.52 9.81 1.97
CA VAL A 27 0.15 10.27 1.74
C VAL A 27 0.26 11.19 0.52
N ALA A 28 -0.61 10.97 -0.45
CA ALA A 28 -0.61 11.73 -1.69
C ALA A 28 -0.63 13.27 -1.58
N THR A 29 0.27 13.90 -2.33
CA THR A 29 0.37 15.34 -2.38
C THR A 29 0.32 15.78 -3.84
N PRO A 30 -0.82 16.32 -4.29
CA PRO A 30 -0.89 16.76 -5.68
C PRO A 30 -0.01 17.98 -5.92
N ARG A 31 0.81 17.93 -6.96
CA ARG A 31 1.71 19.05 -7.27
C ARG A 31 1.17 19.96 -8.38
N ASN A 32 0.07 19.54 -8.99
CA ASN A 32 -0.58 20.27 -10.08
C ASN A 32 -1.99 19.75 -10.25
N ALA A 33 -2.77 20.41 -11.11
CA ALA A 33 -4.16 20.02 -11.37
C ALA A 33 -4.33 18.63 -11.92
N GLU A 34 -3.31 18.14 -12.63
CA GLU A 34 -3.36 16.82 -13.22
C GLU A 34 -3.27 15.75 -12.14
N GLU A 35 -2.35 15.95 -11.19
CA GLU A 35 -2.23 14.99 -10.11
C GLU A 35 -3.44 15.10 -9.19
N ASN A 36 -4.00 16.30 -9.06
CA ASN A 36 -5.15 16.49 -8.20
C ASN A 36 -6.34 15.67 -8.72
N ARG A 37 -6.56 15.70 -10.03
CA ARG A 37 -7.66 14.94 -10.65
C ARG A 37 -7.44 13.43 -10.50
N ALA A 38 -6.21 12.98 -10.71
CA ALA A 38 -5.87 11.58 -10.59
C ALA A 38 -6.16 11.05 -9.18
N ILE A 39 -5.82 11.84 -8.16
CA ILE A 39 -6.06 11.44 -6.77
C ILE A 39 -7.57 11.44 -6.50
N GLN A 40 -8.25 12.44 -7.02
CA GLN A 40 -9.70 12.56 -6.85
C GLN A 40 -10.36 11.29 -7.40
N ASN A 41 -9.92 10.88 -8.59
CA ASN A 41 -10.45 9.71 -9.25
C ASN A 41 -10.25 8.40 -8.52
N VAL A 42 -9.14 8.26 -7.82
CA VAL A 42 -8.90 7.02 -7.10
C VAL A 42 -9.64 7.05 -5.74
N ALA A 43 -9.89 8.24 -5.22
CA ALA A 43 -10.60 8.39 -3.95
C ALA A 43 -12.12 8.34 -4.17
N LYS A 44 -12.80 7.40 -3.54
CA LYS A 44 -14.25 7.31 -3.68
C LYS A 44 -15.02 8.22 -2.73
N ASP A 45 -14.30 8.87 -1.80
CA ASP A 45 -14.92 9.76 -0.84
C ASP A 45 -13.80 10.71 -0.37
N VAL A 46 -14.14 11.63 0.51
CA VAL A 46 -13.19 12.60 1.07
C VAL A 46 -11.96 11.85 1.61
N ALA A 47 -10.78 12.23 1.14
CA ALA A 47 -9.55 11.55 1.56
C ALA A 47 -8.42 12.53 1.93
N PHE A 48 -7.59 12.10 2.89
CA PHE A 48 -6.45 12.89 3.35
C PHE A 48 -5.41 13.08 2.23
N LEU A 49 -4.74 14.24 2.27
CA LEU A 49 -3.64 14.55 1.37
C LEU A 49 -2.42 14.67 2.31
N GLY A 50 -1.22 14.47 1.80
CA GLY A 50 -0.03 14.58 2.63
C GLY A 50 0.41 16.03 2.78
N ILE A 51 -0.46 16.87 3.33
CA ILE A 51 -0.17 18.30 3.50
C ILE A 51 -0.69 18.73 4.86
N THR A 52 0.10 19.53 5.58
CA THR A 52 -0.33 20.01 6.89
C THR A 52 0.31 21.36 7.17
N ASP A 53 -0.28 22.07 8.13
CA ASP A 53 0.33 23.34 8.58
C ASP A 53 0.58 23.17 10.09
N GLN A 54 0.92 21.95 10.48
CA GLN A 54 1.18 21.67 11.90
C GLN A 54 2.42 22.39 12.45
N ARG A 55 3.46 22.52 11.64
CA ARG A 55 4.68 23.20 12.10
C ARG A 55 4.48 24.69 12.26
N THR A 56 3.87 25.34 11.28
CA THR A 56 3.59 26.76 11.33
C THR A 56 2.19 27.01 10.77
N GLU A 57 1.32 27.62 11.58
CA GLU A 57 -0.04 27.88 11.17
C GLU A 57 -0.11 28.69 9.86
N ASN A 58 -0.93 28.20 8.95
CA ASN A 58 -1.16 28.79 7.61
C ASN A 58 0.02 28.67 6.64
N VAL A 59 1.01 27.86 6.96
CA VAL A 59 2.16 27.58 6.09
C VAL A 59 2.01 26.11 5.78
N PHE A 60 1.45 25.81 4.63
CA PHE A 60 1.20 24.42 4.25
C PHE A 60 2.36 23.74 3.57
N GLU A 61 2.74 22.58 4.09
CA GLU A 61 3.86 21.82 3.55
C GLU A 61 3.55 20.33 3.45
N ASP A 62 4.33 19.61 2.64
CA ASP A 62 4.13 18.18 2.50
C ASP A 62 4.71 17.47 3.71
N LEU A 63 4.58 16.14 3.78
CA LEU A 63 5.06 15.43 4.96
C LEU A 63 6.58 15.35 5.10
N THR A 64 7.31 15.87 4.13
CA THR A 64 8.77 15.87 4.19
C THR A 64 9.29 17.28 4.45
N GLY A 65 8.37 18.20 4.77
CA GLY A 65 8.74 19.57 5.08
C GLY A 65 8.83 20.55 3.92
N ASN A 66 8.52 20.12 2.71
CA ASN A 66 8.59 21.01 1.56
C ASN A 66 7.33 21.83 1.43
N ARG A 67 7.46 23.14 1.40
CA ARG A 67 6.32 24.01 1.26
C ARG A 67 5.62 23.71 -0.07
N VAL A 68 4.29 23.61 -0.06
CA VAL A 68 3.57 23.32 -1.31
C VAL A 68 3.34 24.61 -2.09
N ARG A 69 3.40 24.49 -3.42
CA ARG A 69 3.18 25.65 -4.28
C ARG A 69 1.75 25.59 -4.80
N TYR A 70 1.43 24.52 -5.51
CA TYR A 70 0.08 24.32 -6.04
C TYR A 70 -0.90 24.05 -4.90
N THR A 71 -2.05 24.72 -4.91
CA THR A 71 -3.10 24.49 -3.92
C THR A 71 -4.43 24.53 -4.66
N ASN A 72 -5.47 23.95 -4.05
CA ASN A 72 -6.79 23.94 -4.68
C ASN A 72 -7.85 24.06 -3.59
N TRP A 73 -7.71 25.07 -2.75
CA TRP A 73 -8.64 25.30 -1.64
C TRP A 73 -10.07 25.56 -2.04
N ASN A 74 -11.00 24.89 -1.36
CA ASN A 74 -12.43 25.08 -1.60
C ASN A 74 -12.69 26.51 -1.13
N GLU A 75 -13.72 27.17 -1.66
CA GLU A 75 -14.03 28.53 -1.25
C GLU A 75 -14.23 28.60 0.26
N GLY A 76 -13.56 29.55 0.89
CA GLY A 76 -13.66 29.72 2.33
C GLY A 76 -12.58 29.00 3.11
N GLU A 77 -11.78 28.21 2.40
CA GLU A 77 -10.71 27.44 3.03
C GLU A 77 -9.34 28.00 2.63
N PRO A 78 -8.31 27.79 3.46
CA PRO A 78 -8.36 27.07 4.74
C PRO A 78 -8.87 28.02 5.84
N ASN A 79 -9.73 27.53 6.73
CA ASN A 79 -10.28 28.38 7.77
C ASN A 79 -9.88 28.07 9.22
N ASN A 80 -9.10 27.01 9.42
CA ASN A 80 -8.61 26.60 10.74
C ASN A 80 -9.70 26.73 11.82
N VAL A 81 -10.90 26.21 11.54
CA VAL A 81 -11.98 26.38 12.51
C VAL A 81 -11.92 25.60 13.81
N GLY A 82 -12.73 26.05 14.76
CA GLY A 82 -12.79 25.43 16.07
C GLY A 82 -11.47 25.63 16.79
N SER A 83 -10.95 24.55 17.35
CA SER A 83 -9.68 24.60 18.06
C SER A 83 -8.51 24.39 17.10
N GLY A 84 -8.81 24.31 15.81
CA GLY A 84 -7.75 24.14 14.83
C GLY A 84 -7.91 22.97 13.86
N GLU A 85 -7.49 23.22 12.63
CA GLU A 85 -7.54 22.23 11.57
C GLU A 85 -6.18 22.35 10.90
N ASN A 86 -5.33 21.35 11.08
CA ASN A 86 -3.98 21.41 10.54
C ASN A 86 -3.68 20.35 9.50
N CYS A 87 -4.70 19.56 9.13
CA CYS A 87 -4.53 18.54 8.12
C CYS A 87 -5.39 18.93 6.93
N VAL A 88 -5.24 18.25 5.81
CA VAL A 88 -5.97 18.60 4.61
C VAL A 88 -6.63 17.40 3.92
N VAL A 89 -7.84 17.58 3.44
CA VAL A 89 -8.54 16.53 2.72
C VAL A 89 -8.96 17.04 1.35
N LEU A 90 -9.08 16.12 0.42
CA LEU A 90 -9.53 16.40 -0.93
C LEU A 90 -11.01 16.00 -0.94
N LEU A 91 -11.87 16.98 -1.16
CA LEU A 91 -13.30 16.78 -1.22
C LEU A 91 -13.72 16.02 -2.48
N THR A 92 -14.96 15.54 -2.53
CA THR A 92 -15.43 14.80 -3.70
C THR A 92 -15.52 15.61 -5.02
N ASN A 93 -15.34 16.92 -4.91
CA ASN A 93 -15.32 17.78 -6.09
C ASN A 93 -13.88 18.16 -6.47
N GLY A 94 -12.92 17.61 -5.73
CA GLY A 94 -11.51 17.89 -5.99
C GLY A 94 -10.89 19.06 -5.27
N LYS A 95 -11.71 19.89 -4.63
CA LYS A 95 -11.21 21.05 -3.88
C LYS A 95 -10.72 20.57 -2.52
N TRP A 96 -9.93 21.39 -1.85
CA TRP A 96 -9.40 21.00 -0.55
C TRP A 96 -10.04 21.71 0.65
N ASN A 97 -10.00 21.04 1.79
CA ASN A 97 -10.51 21.60 3.03
C ASN A 97 -9.54 21.23 4.14
N ASP A 98 -9.20 22.18 5.00
CA ASP A 98 -8.34 21.86 6.14
C ASP A 98 -9.26 21.25 7.21
N VAL A 99 -8.79 20.22 7.88
CA VAL A 99 -9.59 19.53 8.89
C VAL A 99 -8.70 19.11 10.05
N PRO A 100 -9.30 18.71 11.19
CA PRO A 100 -8.49 18.26 12.33
C PRO A 100 -7.74 16.98 11.95
N CYS A 101 -6.45 16.89 12.28
CA CYS A 101 -5.68 15.69 11.97
C CYS A 101 -6.18 14.45 12.71
N SER A 102 -6.89 14.68 13.81
CA SER A 102 -7.45 13.60 14.63
C SER A 102 -8.71 12.99 14.03
N ASP A 103 -9.31 13.67 13.05
CA ASP A 103 -10.50 13.15 12.37
C ASP A 103 -10.19 12.00 11.39
N SER A 104 -11.20 11.18 11.10
CA SER A 104 -11.02 10.03 10.21
C SER A 104 -11.57 10.20 8.80
N PHE A 105 -10.71 9.93 7.82
CA PHE A 105 -11.07 10.03 6.41
C PHE A 105 -10.33 8.92 5.66
N LEU A 106 -10.66 8.75 4.39
CA LEU A 106 -9.94 7.74 3.61
C LEU A 106 -8.55 8.33 3.41
N VAL A 107 -7.65 7.52 2.85
CA VAL A 107 -6.31 7.98 2.56
C VAL A 107 -5.92 7.55 1.17
N VAL A 108 -5.27 8.45 0.45
CA VAL A 108 -4.75 8.12 -0.88
C VAL A 108 -3.24 8.18 -0.69
N CYS A 109 -2.59 7.07 -0.97
CA CYS A 109 -1.15 6.93 -0.86
C CYS A 109 -0.55 7.17 -2.24
N GLU A 110 0.68 7.66 -2.26
CA GLU A 110 1.37 7.97 -3.49
C GLU A 110 2.70 7.22 -3.50
N PHE A 111 3.03 6.63 -4.65
CA PHE A 111 4.25 5.86 -4.82
C PHE A 111 4.93 6.30 -6.10
N SER A 112 6.25 6.18 -6.13
CA SER A 112 7.02 6.56 -7.31
C SER A 112 7.44 5.32 -8.08
N LYS B 1 -0.26 -1.99 -16.30
CA LYS B 1 0.90 -2.86 -15.94
C LYS B 1 0.76 -3.14 -14.44
N LYS B 2 1.52 -4.09 -13.93
CA LYS B 2 1.48 -4.39 -12.49
C LYS B 2 2.60 -3.59 -11.85
N TYR B 3 2.33 -3.12 -10.66
CA TYR B 3 3.34 -2.40 -9.86
C TYR B 3 3.48 -3.18 -8.56
N PHE B 4 4.69 -3.34 -8.12
CA PHE B 4 4.98 -4.08 -6.88
C PHE B 4 5.63 -3.16 -5.85
N MET B 5 5.18 -3.28 -4.60
CA MET B 5 5.68 -2.47 -3.48
C MET B 5 5.92 -3.42 -2.32
N SER B 6 7.03 -3.22 -1.61
CA SER B 6 7.37 -4.04 -0.48
C SER B 6 7.04 -3.39 0.85
N SER B 7 6.68 -4.21 1.82
CA SER B 7 6.39 -3.72 3.17
C SER B 7 7.72 -3.52 3.88
N VAL B 8 7.65 -2.82 4.99
CA VAL B 8 8.82 -2.56 5.82
C VAL B 8 8.85 -3.59 6.94
N ARG B 9 7.70 -3.87 7.53
CA ARG B 9 7.65 -4.84 8.62
C ARG B 9 7.24 -6.23 8.17
N ARG B 10 7.47 -7.21 9.04
CA ARG B 10 7.16 -8.61 8.77
C ARG B 10 5.85 -8.97 9.46
N MET B 11 5.10 -9.88 8.85
CA MET B 11 3.79 -10.28 9.36
C MET B 11 3.37 -11.58 8.69
N PRO B 12 2.45 -12.34 9.31
CA PRO B 12 1.96 -13.61 8.75
C PRO B 12 1.08 -13.33 7.53
N LEU B 13 0.82 -14.36 6.72
CA LEU B 13 0.04 -14.17 5.50
C LEU B 13 -1.29 -13.46 5.64
N ASN B 14 -2.08 -13.81 6.65
CA ASN B 14 -3.38 -13.16 6.81
C ASN B 14 -3.26 -11.66 6.97
N ARG B 15 -2.24 -11.20 7.69
CA ARG B 15 -2.04 -9.76 7.88
C ARG B 15 -1.51 -9.16 6.59
N ALA B 16 -0.70 -9.94 5.87
CA ALA B 16 -0.13 -9.49 4.60
C ALA B 16 -1.27 -9.25 3.61
N LYS B 17 -2.24 -10.17 3.62
CA LYS B 17 -3.41 -10.06 2.77
C LYS B 17 -4.16 -8.78 3.12
N ALA B 18 -4.40 -8.57 4.42
CA ALA B 18 -5.12 -7.38 4.89
C ALA B 18 -4.40 -6.09 4.50
N LEU B 19 -3.07 -6.08 4.59
CA LEU B 19 -2.30 -4.90 4.20
C LEU B 19 -2.51 -4.55 2.72
N CYS B 20 -2.27 -5.52 1.85
CA CYS B 20 -2.42 -5.28 0.41
C CYS B 20 -3.87 -4.92 0.04
N SER B 21 -4.85 -5.59 0.64
CA SER B 21 -6.25 -5.30 0.35
C SER B 21 -6.68 -3.92 0.83
N GLU B 22 -6.00 -3.39 1.85
CA GLU B 22 -6.32 -2.07 2.38
C GLU B 22 -6.17 -1.01 1.29
N LEU B 23 -5.19 -1.20 0.40
CA LEU B 23 -4.98 -0.27 -0.71
C LEU B 23 -5.50 -0.87 -2.03
N GLN B 24 -6.43 -1.81 -1.88
CA GLN B 24 -7.09 -2.46 -3.00
C GLN B 24 -6.14 -3.23 -3.94
N GLY B 25 -5.09 -3.80 -3.35
CA GLY B 25 -4.16 -4.58 -4.13
C GLY B 25 -4.21 -6.01 -3.63
N THR B 26 -3.27 -6.84 -4.04
CA THR B 26 -3.24 -8.22 -3.59
C THR B 26 -1.79 -8.59 -3.30
N VAL B 27 -1.57 -9.73 -2.67
CA VAL B 27 -0.23 -10.17 -2.39
C VAL B 27 0.37 -10.60 -3.73
N ALA B 28 1.54 -10.07 -4.05
CA ALA B 28 2.21 -10.34 -5.32
C ALA B 28 2.29 -11.81 -5.74
N THR B 29 1.83 -12.06 -6.97
CA THR B 29 1.82 -13.39 -7.56
C THR B 29 2.48 -13.28 -8.94
N PRO B 30 3.76 -13.67 -9.05
CA PRO B 30 4.47 -13.60 -10.32
C PRO B 30 3.94 -14.64 -11.31
N ARG B 31 3.62 -14.19 -12.52
CA ARG B 31 3.08 -15.06 -13.58
C ARG B 31 4.15 -15.48 -14.57
N ASN B 32 5.34 -14.91 -14.43
CA ASN B 32 6.46 -15.21 -15.31
C ASN B 32 7.77 -14.74 -14.65
N ALA B 33 8.90 -15.03 -15.29
CA ALA B 33 10.23 -14.68 -14.76
C ALA B 33 10.48 -13.18 -14.67
N GLU B 34 9.87 -12.40 -15.57
CA GLU B 34 10.01 -10.94 -15.60
C GLU B 34 9.40 -10.37 -14.33
N GLU B 35 8.19 -10.82 -14.01
CA GLU B 35 7.48 -10.40 -12.80
C GLU B 35 8.22 -10.89 -11.56
N ASN B 36 8.76 -12.11 -11.62
CA ASN B 36 9.49 -12.66 -10.49
C ASN B 36 10.70 -11.76 -10.18
N ARG B 37 11.40 -11.35 -11.24
CA ARG B 37 12.56 -10.47 -11.08
C ARG B 37 12.13 -9.08 -10.61
N ALA B 38 10.95 -8.62 -11.05
CA ALA B 38 10.44 -7.31 -10.64
C ALA B 38 10.13 -7.33 -9.14
N ILE B 39 9.68 -8.47 -8.64
CA ILE B 39 9.37 -8.60 -7.22
C ILE B 39 10.69 -8.65 -6.45
N GLN B 40 11.68 -9.35 -7.01
CA GLN B 40 13.02 -9.44 -6.40
C GLN B 40 13.58 -8.02 -6.22
N ASN B 41 13.42 -7.19 -7.25
CA ASN B 41 13.89 -5.82 -7.19
C ASN B 41 13.40 -5.03 -6.01
N VAL B 42 12.17 -5.29 -5.59
CA VAL B 42 11.61 -4.55 -4.46
C VAL B 42 11.77 -5.21 -3.09
N ALA B 43 11.82 -6.53 -3.05
CA ALA B 43 11.96 -7.26 -1.79
C ALA B 43 13.41 -7.30 -1.30
N LYS B 44 13.70 -6.60 -0.20
CA LYS B 44 15.07 -6.59 0.34
C LYS B 44 15.40 -7.82 1.17
N ASP B 45 14.38 -8.64 1.45
CA ASP B 45 14.57 -9.84 2.25
C ASP B 45 13.45 -10.81 1.86
N VAL B 46 13.48 -12.01 2.42
CA VAL B 46 12.50 -13.07 2.16
C VAL B 46 11.10 -12.44 2.29
N ALA B 47 10.25 -12.64 1.29
CA ALA B 47 8.93 -12.03 1.31
C ALA B 47 7.79 -12.92 0.78
N PHE B 48 6.61 -12.78 1.38
CA PHE B 48 5.45 -13.57 0.97
C PHE B 48 4.99 -13.26 -0.46
N LEU B 49 4.51 -14.30 -1.12
CA LEU B 49 3.92 -14.23 -2.45
C LEU B 49 2.46 -14.69 -2.23
N GLY B 50 1.57 -14.27 -3.10
CA GLY B 50 0.16 -14.62 -2.97
C GLY B 50 -0.16 -15.97 -3.55
N ILE B 51 0.44 -17.02 -2.99
CA ILE B 51 0.24 -18.39 -3.46
C ILE B 51 0.15 -19.34 -2.26
N THR B 52 -0.76 -20.33 -2.32
CA THR B 52 -0.89 -21.29 -1.21
C THR B 52 -1.39 -22.63 -1.73
N ASP B 53 -1.12 -23.70 -1.00
CA ASP B 53 -1.67 -25.01 -1.36
C ASP B 53 -2.56 -25.44 -0.20
N GLN B 54 -3.18 -24.43 0.41
CA GLN B 54 -4.07 -24.61 1.54
C GLN B 54 -5.31 -25.45 1.16
N ARG B 55 -5.83 -25.28 -0.04
CA ARG B 55 -7.00 -26.05 -0.46
C ARG B 55 -6.67 -27.54 -0.56
N THR B 56 -5.72 -27.89 -1.42
CA THR B 56 -5.32 -29.27 -1.59
C THR B 56 -3.81 -29.29 -1.58
N GLU B 57 -3.24 -30.13 -0.72
CA GLU B 57 -1.79 -30.23 -0.61
C GLU B 57 -1.13 -30.48 -1.95
N ASN B 58 -0.11 -29.66 -2.22
CA ASN B 58 0.70 -29.71 -3.44
C ASN B 58 0.00 -29.21 -4.71
N VAL B 59 -1.10 -28.54 -4.51
CA VAL B 59 -1.83 -27.87 -5.60
C VAL B 59 -1.84 -26.38 -5.25
N PHE B 60 -0.92 -25.66 -5.86
CA PHE B 60 -0.72 -24.24 -5.54
C PHE B 60 -1.60 -23.33 -6.39
N GLU B 61 -2.25 -22.45 -5.67
CA GLU B 61 -3.17 -21.46 -6.23
C GLU B 61 -2.86 -20.07 -5.72
N ASP B 62 -3.31 -19.06 -6.46
CA ASP B 62 -3.13 -17.70 -6.00
C ASP B 62 -4.22 -17.44 -4.95
N LEU B 63 -4.24 -16.24 -4.37
CA LEU B 63 -5.20 -15.95 -3.32
C LEU B 63 -6.66 -15.95 -3.76
N THR B 64 -6.89 -15.88 -5.08
CA THR B 64 -8.26 -15.91 -5.60
C THR B 64 -8.65 -17.34 -5.98
N GLY B 65 -7.86 -18.33 -5.57
CA GLY B 65 -8.17 -19.71 -5.86
C GLY B 65 -7.88 -20.15 -7.28
N ASN B 66 -7.09 -19.36 -8.00
CA ASN B 66 -6.74 -19.68 -9.36
C ASN B 66 -5.44 -20.48 -9.36
N ARG B 67 -5.46 -21.70 -9.89
CA ARG B 67 -4.26 -22.54 -9.93
C ARG B 67 -3.14 -21.86 -10.73
N VAL B 68 -1.94 -21.80 -10.15
CA VAL B 68 -0.83 -21.15 -10.84
C VAL B 68 -0.14 -22.04 -11.87
N ARG B 69 0.45 -21.40 -12.87
CA ARG B 69 1.17 -22.11 -13.92
C ARG B 69 2.68 -21.97 -13.65
N TYR B 70 3.19 -20.75 -13.76
CA TYR B 70 4.60 -20.47 -13.52
C TYR B 70 4.97 -20.68 -12.04
N THR B 71 6.08 -21.39 -11.82
CA THR B 71 6.61 -21.60 -10.47
C THR B 71 8.12 -21.46 -10.57
N ASN B 72 8.77 -21.10 -9.47
CA ASN B 72 10.22 -20.96 -9.47
C ASN B 72 10.74 -21.52 -8.16
N TRP B 73 10.39 -22.77 -7.87
CA TRP B 73 10.80 -23.42 -6.62
C TRP B 73 12.30 -23.58 -6.44
N ASN B 74 12.75 -23.33 -5.22
CA ASN B 74 14.15 -23.49 -4.87
C ASN B 74 14.34 -25.00 -4.86
N GLU B 75 15.55 -25.47 -5.17
CA GLU B 75 15.80 -26.92 -5.18
C GLU B 75 15.42 -27.53 -3.82
N GLY B 76 14.66 -28.63 -3.87
CA GLY B 76 14.22 -29.29 -2.65
C GLY B 76 12.84 -28.83 -2.20
N GLU B 77 12.33 -27.79 -2.86
CA GLU B 77 11.01 -27.24 -2.54
C GLU B 77 10.02 -27.54 -3.66
N PRO B 78 8.71 -27.63 -3.34
CA PRO B 78 8.13 -27.48 -2.00
C PRO B 78 8.23 -28.78 -1.22
N ASN B 79 8.66 -28.70 0.04
CA ASN B 79 8.82 -29.90 0.86
C ASN B 79 7.81 -30.13 1.98
N ASN B 80 6.93 -29.16 2.21
CA ASN B 80 5.89 -29.27 3.23
C ASN B 80 6.37 -29.82 4.58
N VAL B 81 7.44 -29.24 5.12
CA VAL B 81 8.00 -29.74 6.38
C VAL B 81 7.06 -29.69 7.58
N GLY B 82 7.27 -30.66 8.47
CA GLY B 82 6.52 -30.77 9.71
C GLY B 82 5.01 -30.75 9.64
N SER B 83 4.42 -29.92 10.50
CA SER B 83 2.97 -29.77 10.56
C SER B 83 2.39 -29.23 9.27
N GLY B 84 3.26 -28.77 8.37
CA GLY B 84 2.80 -28.25 7.10
C GLY B 84 3.26 -26.85 6.76
N GLU B 85 3.56 -26.65 5.49
CA GLU B 85 3.98 -25.36 4.96
C GLU B 85 3.07 -25.19 3.77
N ASN B 86 2.11 -24.28 3.91
CA ASN B 86 1.12 -24.06 2.88
C ASN B 86 1.11 -22.69 2.23
N CYS B 87 2.09 -21.87 2.60
CA CYS B 87 2.23 -20.53 2.03
C CYS B 87 3.58 -20.52 1.29
N VAL B 88 3.85 -19.45 0.57
CA VAL B 88 5.06 -19.39 -0.24
C VAL B 88 5.78 -18.05 -0.11
N VAL B 89 7.10 -18.09 -0.06
CA VAL B 89 7.88 -16.86 0.02
C VAL B 89 8.90 -16.89 -1.12
N LEU B 90 9.35 -15.70 -1.50
CA LEU B 90 10.37 -15.51 -2.51
C LEU B 90 11.65 -15.29 -1.71
N LEU B 91 12.58 -16.23 -1.84
CA LEU B 91 13.88 -16.16 -1.17
C LEU B 91 14.69 -15.00 -1.77
N THR B 92 15.84 -14.68 -1.16
CA THR B 92 16.67 -13.59 -1.65
C THR B 92 17.38 -13.86 -3.00
N ASN B 93 17.30 -15.10 -3.48
CA ASN B 93 17.86 -15.46 -4.78
C ASN B 93 16.74 -15.54 -5.82
N GLY B 94 15.54 -15.15 -5.41
CA GLY B 94 14.40 -15.19 -6.32
C GLY B 94 13.67 -16.53 -6.42
N LYS B 95 14.23 -17.58 -5.84
CA LYS B 95 13.58 -18.89 -5.87
C LYS B 95 12.52 -18.91 -4.79
N TRP B 96 11.61 -19.88 -4.86
CA TRP B 96 10.54 -19.96 -3.88
C TRP B 96 10.73 -21.04 -2.82
N ASN B 97 10.15 -20.80 -1.64
CA ASN B 97 10.18 -21.80 -0.57
C ASN B 97 8.77 -21.84 0.05
N ASP B 98 8.24 -23.02 0.29
CA ASP B 98 6.93 -23.13 0.95
C ASP B 98 7.20 -23.01 2.45
N VAL B 99 6.41 -22.20 3.14
CA VAL B 99 6.60 -21.97 4.57
C VAL B 99 5.27 -21.98 5.31
N PRO B 100 5.30 -22.03 6.66
CA PRO B 100 4.02 -22.02 7.39
C PRO B 100 3.35 -20.66 7.18
N CYS B 101 2.04 -20.66 6.93
CA CYS B 101 1.31 -19.42 6.72
C CYS B 101 1.32 -18.55 7.96
N SER B 102 1.54 -19.17 9.11
CA SER B 102 1.58 -18.44 10.37
C SER B 102 2.95 -17.77 10.66
N ASP B 103 3.98 -18.09 9.87
CA ASP B 103 5.31 -17.45 10.08
C ASP B 103 5.31 -16.02 9.49
N SER B 104 6.15 -15.15 10.03
CA SER B 104 6.23 -13.76 9.57
C SER B 104 7.33 -13.45 8.56
N PHE B 105 6.96 -12.72 7.51
CA PHE B 105 7.89 -12.31 6.47
C PHE B 105 7.43 -10.97 5.93
N LEU B 106 8.30 -10.31 5.18
CA LEU B 106 7.91 -9.06 4.55
C LEU B 106 6.85 -9.47 3.55
N VAL B 107 6.13 -8.51 3.02
CA VAL B 107 5.12 -8.79 2.02
C VAL B 107 5.30 -7.85 0.81
N VAL B 108 5.14 -8.40 -0.38
CA VAL B 108 5.20 -7.56 -1.56
C VAL B 108 3.75 -7.53 -2.09
N CYS B 109 3.21 -6.33 -2.24
CA CYS B 109 1.84 -6.16 -2.73
C CYS B 109 1.91 -5.87 -4.21
N GLU B 110 0.83 -6.21 -4.91
CA GLU B 110 0.72 -6.05 -6.33
C GLU B 110 -0.49 -5.18 -6.65
N PHE B 111 -0.32 -4.26 -7.58
CA PHE B 111 -1.38 -3.35 -7.99
C PHE B 111 -1.32 -3.22 -9.51
N SER B 112 -2.44 -2.88 -10.12
CA SER B 112 -2.46 -2.71 -11.58
C SER B 112 -3.46 -1.65 -12.02
#